data_7YTQ
#
_entry.id   7YTQ
#
_cell.length_a   80.030
_cell.length_b   80.030
_cell.length_c   90.070
_cell.angle_alpha   90.000
_cell.angle_beta   90.000
_cell.angle_gamma   90.000
#
_symmetry.space_group_name_H-M   'P 42'
#
loop_
_entity.id
_entity.type
_entity.pdbx_description
1 polymer 'CD207 molecule'
2 polymer SER-TRP
3 non-polymer 'CALCIUM ION'
4 non-polymer ~{N}-[2-[4-[(2~{R},3~{S},4~{S},5~{S},6~{R})-6-(hydroxymethyl)-3,4,5-tris(oxidanyl)oxan-2-yl]oxyphenyl]ethyl]ethanamide
5 non-polymer 'CHLORIDE ION'
6 non-polymer TRYPTOPHAN
7 water water
#
loop_
_entity_poly.entity_id
_entity_poly.type
_entity_poly.pdbx_seq_one_letter_code
_entity_poly.pdbx_strand_id
1 'polypeptide(L)'
;ASWSHPQFEKIEGRMQNDILQVVSQGWKYFKGNFYYFSLIPKTWYSAEQFCVSRNSHLTSVTSESEQEFLYKTAGGLIYW
IGLTKAGMEGDWSWVDDTPFNKVQSARFWIPGEPNNAGNNEHCGNIKAPSLQAWNDAPCDKTFLFICKRPYVPSEP
;
A,B,C,D
2 'polypeptide(L)' SW E
#
loop_
_chem_comp.id
_chem_comp.type
_chem_comp.name
_chem_comp.formula
CA non-polymer 'CALCIUM ION' 'Ca 2'
CL non-polymer 'CHLORIDE ION' 'Cl -1'
JMI non-polymer ~{N}-[2-[4-[(2~{R},3~{S},4~{S},5~{S},6~{R})-6-(hydroxymethyl)-3,4,5-tris(oxidanyl)oxan-2-yl]oxyphenyl]ethyl]ethanamide 'C16 H23 N O7'
#
# COMPACT_ATOMS: atom_id res chain seq x y z
N ASP A 18 -25.14 0.50 -2.76
CA ASP A 18 -26.41 0.46 -3.47
C ASP A 18 -26.19 0.22 -4.96
N ILE A 19 -26.56 -0.97 -5.45
CA ILE A 19 -26.23 -1.31 -6.84
C ILE A 19 -27.04 -0.44 -7.80
N LEU A 20 -28.35 -0.34 -7.59
CA LEU A 20 -29.16 0.49 -8.48
C LEU A 20 -28.70 1.94 -8.47
N GLN A 21 -28.35 2.49 -7.30
CA GLN A 21 -27.86 3.86 -7.25
C GLN A 21 -26.57 4.04 -8.03
N VAL A 22 -25.60 3.13 -7.82
CA VAL A 22 -24.31 3.23 -8.51
C VAL A 22 -24.50 3.06 -10.01
N VAL A 23 -25.18 1.98 -10.43
CA VAL A 23 -25.37 1.74 -11.86
C VAL A 23 -26.03 2.95 -12.52
N SER A 24 -27.05 3.52 -11.89
CA SER A 24 -27.79 4.62 -12.51
C SER A 24 -26.94 5.88 -12.68
N GLN A 25 -25.81 5.97 -12.00
CA GLN A 25 -24.87 7.06 -12.24
C GLN A 25 -23.88 6.76 -13.37
N GLY A 26 -24.15 5.74 -14.18
CA GLY A 26 -23.33 5.44 -15.34
C GLY A 26 -22.30 4.35 -15.16
N TRP A 27 -22.37 3.57 -14.08
CA TRP A 27 -21.46 2.46 -13.87
C TRP A 27 -22.12 1.16 -14.32
N LYS A 28 -21.27 0.16 -14.55
CA LYS A 28 -21.74 -1.20 -14.93
C LYS A 28 -21.30 -2.16 -13.83
N TYR A 29 -22.17 -3.12 -13.49
CA TYR A 29 -21.89 -4.13 -12.48
C TYR A 29 -21.59 -5.45 -13.19
N PHE A 30 -20.46 -6.07 -12.85
CA PHE A 30 -20.06 -7.35 -13.42
C PHE A 30 -19.23 -8.13 -12.40
N LYS A 31 -19.70 -9.31 -12.04
CA LYS A 31 -19.02 -10.24 -11.13
C LYS A 31 -18.46 -9.52 -9.90
N GLY A 32 -19.35 -8.81 -9.20
CA GLY A 32 -18.99 -8.25 -7.92
C GLY A 32 -18.23 -6.94 -7.94
N ASN A 33 -18.03 -6.33 -9.11
CA ASN A 33 -17.32 -5.08 -9.24
C ASN A 33 -18.16 -4.10 -10.06
N PHE A 34 -17.99 -2.81 -9.77
CA PHE A 34 -18.56 -1.73 -10.58
C PHE A 34 -17.49 -1.19 -11.53
N TYR A 35 -17.88 -0.90 -12.77
CA TYR A 35 -16.96 -0.37 -13.78
C TYR A 35 -17.51 0.91 -14.39
N TYR A 36 -16.63 1.90 -14.58
CA TYR A 36 -16.98 3.17 -15.19
C TYR A 36 -16.19 3.32 -16.48
N PHE A 37 -16.88 3.38 -17.61
CA PHE A 37 -16.26 3.62 -18.91
C PHE A 37 -16.42 5.11 -19.22
N SER A 38 -15.30 5.84 -19.25
CA SER A 38 -15.40 7.29 -19.37
C SER A 38 -15.83 7.71 -20.77
N LEU A 39 -16.34 8.94 -20.86
CA LEU A 39 -16.60 9.56 -22.14
C LEU A 39 -15.70 10.75 -22.45
N ILE A 40 -14.85 11.16 -21.51
CA ILE A 40 -13.86 12.21 -21.77
C ILE A 40 -12.46 11.60 -21.61
N PRO A 41 -11.52 11.92 -22.50
CA PRO A 41 -10.18 11.34 -22.38
C PRO A 41 -9.30 12.11 -21.41
N LYS A 42 -8.36 11.39 -20.81
CA LYS A 42 -7.41 11.97 -19.88
C LYS A 42 -6.09 11.23 -19.98
N THR A 43 -5.03 11.87 -19.48
CA THR A 43 -3.79 11.14 -19.29
C THR A 43 -4.02 10.01 -18.29
N TRP A 44 -3.07 9.08 -18.25
CA TRP A 44 -3.20 7.93 -17.36
C TRP A 44 -3.39 8.39 -15.92
N TYR A 45 -2.51 9.28 -15.44
CA TYR A 45 -2.61 9.62 -14.01
C TYR A 45 -3.81 10.51 -13.73
N SER A 46 -4.18 11.40 -14.67
CA SER A 46 -5.38 12.18 -14.46
C SER A 46 -6.63 11.31 -14.51
N ALA A 47 -6.60 10.23 -15.31
CA ALA A 47 -7.67 9.24 -15.27
C ALA A 47 -7.72 8.57 -13.91
N GLU A 48 -6.58 8.14 -13.39
CA GLU A 48 -6.54 7.50 -12.08
C GLU A 48 -7.05 8.45 -11.00
N GLN A 49 -6.70 9.75 -11.11
CA GLN A 49 -7.21 10.72 -10.14
C GLN A 49 -8.73 10.83 -10.19
N PHE A 50 -9.31 10.77 -11.39
CA PHE A 50 -10.77 10.75 -11.48
C PHE A 50 -11.33 9.50 -10.80
N CYS A 51 -10.72 8.35 -11.05
CA CYS A 51 -11.18 7.12 -10.39
C CYS A 51 -11.08 7.24 -8.87
N VAL A 52 -9.98 7.80 -8.37
CA VAL A 52 -9.80 7.95 -6.93
C VAL A 52 -10.87 8.85 -6.34
N SER A 53 -11.28 9.88 -7.09
CA SER A 53 -12.32 10.78 -6.59
C SER A 53 -13.68 10.10 -6.47
N ARG A 54 -13.86 8.95 -7.12
CA ARG A 54 -15.07 8.15 -7.00
C ARG A 54 -14.82 6.84 -6.27
N ASN A 55 -13.95 6.82 -5.26
CA ASN A 55 -13.65 5.57 -4.47
C ASN A 55 -13.30 4.41 -5.41
N SER A 56 -12.44 4.62 -6.41
CA SER A 56 -12.12 3.51 -7.30
C SER A 56 -10.69 3.67 -7.80
N HIS A 57 -10.29 2.79 -8.71
CA HIS A 57 -8.99 2.84 -9.36
C HIS A 57 -9.17 2.48 -10.82
N LEU A 58 -8.22 2.87 -11.67
CA LEU A 58 -8.18 2.28 -13.00
C LEU A 58 -8.19 0.75 -12.90
N THR A 59 -8.93 0.10 -13.77
CA THR A 59 -9.24 -1.31 -13.57
C THR A 59 -8.02 -2.23 -13.71
N SER A 60 -7.93 -3.20 -12.81
CA SER A 60 -7.09 -4.36 -13.06
C SER A 60 -7.86 -5.37 -13.92
N VAL A 61 -7.13 -6.35 -14.46
CA VAL A 61 -7.70 -7.44 -15.28
C VAL A 61 -7.05 -8.74 -14.83
N THR A 62 -7.83 -9.64 -14.22
CA THR A 62 -7.26 -10.83 -13.60
C THR A 62 -8.01 -12.10 -13.95
N SER A 63 -8.74 -12.13 -15.06
CA SER A 63 -9.35 -13.36 -15.56
C SER A 63 -9.75 -13.13 -17.01
N GLU A 64 -9.88 -14.24 -17.75
CA GLU A 64 -10.35 -14.14 -19.12
C GLU A 64 -11.76 -13.57 -19.19
N SER A 65 -12.64 -13.95 -18.24
N SER A 65 -12.63 -13.94 -18.24
CA SER A 65 -13.99 -13.43 -18.22
CA SER A 65 -14.00 -13.42 -18.29
C SER A 65 -14.01 -11.92 -18.08
C SER A 65 -14.03 -11.90 -18.07
N GLU A 66 -13.14 -11.37 -17.23
CA GLU A 66 -13.08 -9.92 -17.04
C GLU A 66 -12.51 -9.22 -18.28
N GLN A 67 -11.42 -9.78 -18.84
CA GLN A 67 -10.88 -9.23 -20.08
C GLN A 67 -11.94 -9.21 -21.17
N GLU A 68 -12.73 -10.29 -21.26
CA GLU A 68 -13.79 -10.37 -22.28
C GLU A 68 -14.84 -9.29 -22.06
N PHE A 69 -15.33 -9.14 -20.82
CA PHE A 69 -16.29 -8.09 -20.53
C PHE A 69 -15.73 -6.72 -20.88
N LEU A 70 -14.44 -6.47 -20.59
CA LEU A 70 -13.90 -5.14 -20.81
C LEU A 70 -13.73 -4.82 -22.29
N TYR A 71 -13.14 -5.74 -23.06
CA TYR A 71 -12.89 -5.43 -24.47
C TYR A 71 -14.21 -5.38 -25.24
N LYS A 72 -15.18 -6.21 -24.86
CA LYS A 72 -16.46 -6.14 -25.56
C LYS A 72 -17.20 -4.86 -25.24
N THR A 73 -17.22 -4.43 -23.97
CA THR A 73 -17.86 -3.17 -23.64
C THR A 73 -17.10 -1.98 -24.24
N ALA A 74 -15.77 -2.08 -24.35
CA ALA A 74 -14.98 -1.02 -24.96
C ALA A 74 -15.35 -0.82 -26.43
N GLY A 75 -15.73 -1.91 -27.11
CA GLY A 75 -16.33 -1.81 -28.43
C GLY A 75 -15.41 -1.26 -29.49
N GLY A 76 -14.12 -1.57 -29.41
CA GLY A 76 -13.14 -1.12 -30.38
C GLY A 76 -12.55 0.25 -30.15
N LEU A 77 -12.90 0.93 -29.05
CA LEU A 77 -12.25 2.18 -28.67
C LEU A 77 -11.16 1.90 -27.63
N ILE A 78 -10.21 2.82 -27.54
CA ILE A 78 -9.04 2.64 -26.67
C ILE A 78 -9.30 3.25 -25.29
N TYR A 79 -9.05 2.46 -24.24
CA TYR A 79 -9.28 2.86 -22.86
C TYR A 79 -8.06 2.55 -21.99
N TRP A 80 -7.60 3.55 -21.25
CA TRP A 80 -6.60 3.31 -20.21
C TRP A 80 -7.14 2.29 -19.21
N ILE A 81 -6.28 1.34 -18.81
CA ILE A 81 -6.58 0.51 -17.66
C ILE A 81 -5.47 0.73 -16.63
N GLY A 82 -5.52 0.00 -15.51
CA GLY A 82 -4.63 0.29 -14.39
C GLY A 82 -3.22 -0.27 -14.49
N LEU A 83 -2.78 -0.55 -15.72
CA LEU A 83 -1.45 -1.10 -15.98
C LEU A 83 -0.42 0.02 -15.99
N THR A 84 0.64 -0.13 -15.18
CA THR A 84 1.72 0.85 -15.19
C THR A 84 3.01 0.21 -14.70
N LYS A 85 4.14 0.70 -15.19
CA LYS A 85 5.42 0.19 -14.71
C LYS A 85 5.71 0.71 -13.31
N ALA A 86 6.33 -0.13 -12.48
CA ALA A 86 6.76 0.30 -11.15
C ALA A 86 8.01 -0.45 -10.74
N GLY A 87 8.55 -0.07 -9.58
CA GLY A 87 9.79 -0.63 -9.08
C GLY A 87 11.00 -0.18 -9.87
N MET A 88 12.18 -0.61 -9.39
CA MET A 88 13.41 -0.21 -10.03
C MET A 88 13.59 -0.83 -11.41
N GLU A 89 13.01 -2.02 -11.61
CA GLU A 89 13.18 -2.75 -12.90
C GLU A 89 12.07 -2.37 -13.89
N GLY A 90 11.11 -1.54 -13.49
CA GLY A 90 10.04 -1.18 -14.39
C GLY A 90 9.13 -2.33 -14.75
N ASP A 91 8.93 -3.26 -13.82
CA ASP A 91 8.02 -4.35 -14.08
C ASP A 91 6.58 -3.83 -14.09
N TRP A 92 5.73 -4.49 -14.88
CA TRP A 92 4.34 -4.08 -14.94
C TRP A 92 3.65 -4.36 -13.61
N SER A 93 2.70 -3.50 -13.26
CA SER A 93 2.00 -3.53 -11.98
C SER A 93 0.58 -3.03 -12.20
N TRP A 94 -0.26 -3.26 -11.19
CA TRP A 94 -1.62 -2.76 -11.17
C TRP A 94 -1.74 -1.64 -10.14
N VAL A 95 -2.33 -0.51 -10.54
CA VAL A 95 -2.44 0.61 -9.62
C VAL A 95 -3.37 0.31 -8.45
N ASP A 96 -4.30 -0.65 -8.59
CA ASP A 96 -5.13 -1.00 -7.44
C ASP A 96 -4.42 -1.96 -6.48
N ASP A 97 -3.13 -2.22 -6.73
CA ASP A 97 -2.23 -3.05 -5.92
C ASP A 97 -2.47 -4.55 -6.02
N THR A 98 -3.34 -5.03 -6.92
CA THR A 98 -3.34 -6.44 -7.26
C THR A 98 -1.93 -6.86 -7.68
N PRO A 99 -1.35 -7.92 -7.10
CA PRO A 99 -0.06 -8.37 -7.60
C PRO A 99 -0.15 -8.75 -9.08
N PHE A 100 0.86 -8.35 -9.84
CA PHE A 100 0.85 -8.60 -11.27
C PHE A 100 1.34 -10.02 -11.57
N ASN A 101 0.54 -10.76 -12.33
CA ASN A 101 0.84 -12.14 -12.72
C ASN A 101 1.28 -12.10 -14.18
N LYS A 102 2.60 -12.08 -14.41
CA LYS A 102 3.11 -11.98 -15.80
C LYS A 102 2.67 -13.20 -16.63
N VAL A 103 2.66 -14.39 -16.03
CA VAL A 103 2.33 -15.60 -16.78
C VAL A 103 0.87 -15.56 -17.23
N GLN A 104 -0.04 -15.28 -16.29
CA GLN A 104 -1.47 -15.23 -16.59
C GLN A 104 -1.83 -14.09 -17.53
N SER A 105 -1.02 -13.04 -17.61
CA SER A 105 -1.35 -11.87 -18.41
C SER A 105 -0.76 -11.88 -19.80
N ALA A 106 0.12 -12.84 -20.11
CA ALA A 106 0.75 -12.86 -21.43
C ALA A 106 -0.29 -13.02 -22.54
N ARG A 107 -1.33 -13.82 -22.28
CA ARG A 107 -2.41 -14.02 -23.24
C ARG A 107 -3.17 -12.74 -23.56
N PHE A 108 -3.06 -11.71 -22.73
CA PHE A 108 -3.89 -10.53 -22.88
C PHE A 108 -3.22 -9.38 -23.62
N TRP A 109 -1.94 -9.51 -23.99
CA TRP A 109 -1.27 -8.45 -24.75
C TRP A 109 -1.51 -8.65 -26.24
N ILE A 110 -1.54 -7.54 -26.97
CA ILE A 110 -1.45 -7.63 -28.44
C ILE A 110 -0.10 -8.24 -28.82
N PRO A 111 -0.04 -9.19 -29.75
CA PRO A 111 1.27 -9.71 -30.18
C PRO A 111 2.22 -8.59 -30.54
N GLY A 112 3.47 -8.72 -30.08
CA GLY A 112 4.45 -7.69 -30.24
C GLY A 112 4.47 -6.65 -29.15
N GLU A 113 3.48 -6.67 -28.24
CA GLU A 113 3.42 -5.75 -27.11
C GLU A 113 3.69 -6.50 -25.82
N PRO A 114 4.23 -5.83 -24.79
CA PRO A 114 4.67 -4.43 -24.80
C PRO A 114 5.95 -4.24 -25.59
N ASN A 115 6.06 -3.16 -26.36
CA ASN A 115 7.24 -2.95 -27.16
C ASN A 115 8.02 -1.70 -26.78
N ASN A 116 7.52 -0.89 -25.84
CA ASN A 116 8.19 0.31 -25.35
C ASN A 116 8.67 1.17 -26.51
N ALA A 117 7.71 1.58 -27.35
CA ALA A 117 8.02 2.36 -28.53
C ALA A 117 8.43 3.78 -28.14
N GLY A 118 9.57 4.23 -28.66
CA GLY A 118 10.09 5.51 -28.24
C GLY A 118 10.69 5.53 -26.85
N ASN A 119 10.83 4.35 -26.22
N ASN A 119 10.84 4.36 -26.21
CA ASN A 119 11.38 4.20 -24.88
CA ASN A 119 11.43 4.26 -24.87
C ASN A 119 10.62 5.03 -23.84
C ASN A 119 10.63 5.06 -23.84
N ASN A 120 9.32 5.22 -24.06
CA ASN A 120 8.52 6.07 -23.18
C ASN A 120 7.09 5.52 -22.99
N GLU A 121 6.90 4.22 -23.08
CA GLU A 121 5.58 3.61 -22.94
C GLU A 121 5.50 2.85 -21.61
N HIS A 122 5.13 3.57 -20.55
CA HIS A 122 5.16 3.03 -19.19
C HIS A 122 3.76 2.90 -18.57
N CYS A 123 2.71 2.96 -19.38
CA CYS A 123 1.33 2.72 -18.96
C CYS A 123 0.65 1.83 -20.01
N GLY A 124 -0.50 1.27 -19.66
CA GLY A 124 -1.15 0.29 -20.52
C GLY A 124 -2.62 0.60 -20.74
N ASN A 125 -3.11 0.23 -21.93
CA ASN A 125 -4.52 0.44 -22.27
C ASN A 125 -5.07 -0.80 -22.96
N ILE A 126 -6.41 -0.87 -23.02
CA ILE A 126 -7.11 -1.82 -23.89
C ILE A 126 -7.25 -1.14 -25.25
N LYS A 127 -6.62 -1.72 -26.26
CA LYS A 127 -6.58 -1.13 -27.60
C LYS A 127 -7.35 -1.96 -28.61
N ALA A 128 -7.11 -3.27 -28.66
CA ALA A 128 -7.75 -4.07 -29.71
C ALA A 128 -8.95 -4.84 -29.16
N PRO A 129 -10.07 -4.89 -29.91
CA PRO A 129 -11.23 -5.68 -29.46
C PRO A 129 -11.02 -7.17 -29.63
N SER A 130 -10.22 -7.73 -28.73
CA SER A 130 -9.83 -9.13 -28.77
C SER A 130 -9.41 -9.49 -27.37
N LEU A 131 -9.32 -10.79 -27.09
CA LEU A 131 -8.69 -11.21 -25.84
C LEU A 131 -7.24 -10.74 -25.81
N GLN A 132 -6.60 -10.68 -26.98
CA GLN A 132 -5.29 -10.02 -27.11
C GLN A 132 -5.54 -8.54 -27.36
N ALA A 133 -5.64 -7.78 -26.26
CA ALA A 133 -6.13 -6.42 -26.32
C ALA A 133 -5.13 -5.34 -25.90
N TRP A 134 -4.19 -5.63 -25.01
CA TRP A 134 -3.45 -4.57 -24.35
C TRP A 134 -2.31 -4.02 -25.22
N ASN A 135 -2.05 -2.72 -25.08
CA ASN A 135 -0.86 -2.08 -25.63
C ASN A 135 -0.24 -1.16 -24.59
N ASP A 136 1.10 -1.04 -24.62
CA ASP A 136 1.77 -0.03 -23.80
C ASP A 136 1.91 1.26 -24.59
N ALA A 137 1.59 2.38 -23.94
CA ALA A 137 1.54 3.70 -24.53
C ALA A 137 2.09 4.72 -23.54
N PRO A 138 2.48 5.91 -24.02
CA PRO A 138 3.03 6.92 -23.09
C PRO A 138 1.99 7.39 -22.09
N CYS A 139 2.39 7.45 -20.81
CA CYS A 139 1.44 7.78 -19.75
C CYS A 139 0.85 9.17 -19.91
N ASP A 140 1.55 10.07 -20.60
CA ASP A 140 1.06 11.44 -20.72
C ASP A 140 0.17 11.64 -21.95
N LYS A 141 -0.15 10.56 -22.67
CA LYS A 141 -1.12 10.60 -23.75
C LYS A 141 -2.55 10.51 -23.21
N THR A 142 -3.50 11.13 -23.91
CA THR A 142 -4.90 11.14 -23.46
C THR A 142 -5.71 10.06 -24.17
N PHE A 143 -6.39 9.24 -23.38
CA PHE A 143 -7.36 8.26 -23.88
C PHE A 143 -8.58 8.25 -22.98
N LEU A 144 -9.67 7.63 -23.45
CA LEU A 144 -10.74 7.26 -22.54
C LEU A 144 -10.17 6.29 -21.50
N PHE A 145 -10.93 6.05 -20.42
CA PHE A 145 -10.38 5.24 -19.33
C PHE A 145 -11.49 4.48 -18.61
N ILE A 146 -11.09 3.45 -17.85
CA ILE A 146 -12.03 2.53 -17.17
C ILE A 146 -11.66 2.46 -15.68
N CYS A 147 -12.57 2.89 -14.81
CA CYS A 147 -12.44 2.72 -13.37
C CYS A 147 -13.13 1.43 -12.93
N LYS A 148 -12.66 0.89 -11.80
CA LYS A 148 -13.22 -0.31 -11.20
C LYS A 148 -13.30 -0.14 -9.69
N ARG A 149 -14.43 -0.55 -9.12
CA ARG A 149 -14.69 -0.39 -7.71
C ARG A 149 -15.42 -1.66 -7.25
N PRO A 150 -14.92 -2.33 -6.21
CA PRO A 150 -15.62 -3.52 -5.71
C PRO A 150 -16.90 -3.12 -5.00
N TYR A 151 -17.93 -3.93 -5.19
CA TYR A 151 -19.15 -3.79 -4.43
C TYR A 151 -18.92 -4.39 -3.05
N VAL A 152 -19.19 -3.61 -2.01
CA VAL A 152 -19.01 -4.04 -0.63
C VAL A 152 -20.37 -3.99 0.07
N PRO A 153 -21.09 -5.11 0.12
CA PRO A 153 -22.38 -5.10 0.82
C PRO A 153 -22.22 -5.02 2.34
N VAL B 23 25.01 5.12 -8.39
CA VAL B 23 23.99 6.17 -8.32
C VAL B 23 24.57 7.53 -8.70
N SER B 24 23.68 8.47 -9.00
CA SER B 24 24.09 9.81 -9.40
C SER B 24 24.83 10.50 -8.27
N GLN B 25 25.75 11.38 -8.64
CA GLN B 25 26.38 12.28 -7.69
C GLN B 25 25.52 13.49 -7.36
N GLY B 26 24.30 13.54 -7.88
CA GLY B 26 23.43 14.67 -7.70
C GLY B 26 22.48 14.62 -6.52
N TRP B 27 22.66 13.69 -5.60
CA TRP B 27 21.79 13.58 -4.42
C TRP B 27 22.35 14.42 -3.29
N LYS B 28 21.49 15.25 -2.69
CA LYS B 28 21.84 16.08 -1.54
C LYS B 28 21.33 15.42 -0.26
N TYR B 29 22.09 15.54 0.83
CA TYR B 29 21.82 14.78 2.04
C TYR B 29 21.29 15.67 3.15
N PHE B 30 20.22 15.23 3.80
CA PHE B 30 19.61 15.97 4.90
C PHE B 30 18.93 14.96 5.82
N LYS B 31 19.42 14.85 7.07
CA LYS B 31 18.76 14.15 8.16
C LYS B 31 18.27 12.75 7.77
N GLY B 32 19.19 11.94 7.25
CA GLY B 32 18.92 10.54 7.01
C GLY B 32 18.36 10.21 5.64
N ASN B 33 18.09 11.22 4.81
CA ASN B 33 17.51 11.01 3.49
C ASN B 33 18.36 11.72 2.44
N PHE B 34 18.39 11.14 1.25
CA PHE B 34 18.96 11.79 0.09
C PHE B 34 17.85 12.42 -0.77
N TYR B 35 18.12 13.62 -1.30
CA TYR B 35 17.16 14.34 -2.13
C TYR B 35 17.76 14.63 -3.50
N TYR B 36 16.92 14.50 -4.53
CA TYR B 36 17.33 14.74 -5.92
C TYR B 36 16.50 15.89 -6.48
N PHE B 37 17.12 17.03 -6.71
CA PHE B 37 16.45 18.19 -7.30
C PHE B 37 16.64 18.12 -8.81
N SER B 38 15.55 17.90 -9.54
CA SER B 38 15.72 17.53 -10.93
C SER B 38 16.19 18.72 -11.77
N LEU B 39 16.84 18.39 -12.90
N LEU B 39 16.83 18.40 -12.90
CA LEU B 39 17.21 19.37 -13.92
CA LEU B 39 17.19 19.40 -13.91
C LEU B 39 16.27 19.34 -15.12
C LEU B 39 16.29 19.33 -15.13
N ILE B 40 15.36 18.36 -15.18
CA ILE B 40 14.38 18.20 -16.27
C ILE B 40 12.98 18.41 -15.71
N PRO B 41 12.10 19.13 -16.38
CA PRO B 41 10.70 19.16 -15.96
C PRO B 41 9.90 18.00 -16.52
N LYS B 42 8.93 17.55 -15.72
CA LYS B 42 8.05 16.44 -16.10
C LYS B 42 6.68 16.65 -15.50
N THR B 43 5.68 15.94 -16.03
CA THR B 43 4.39 15.85 -15.37
C THR B 43 4.58 15.17 -14.01
N TRP B 44 3.63 15.40 -13.10
CA TRP B 44 3.74 14.80 -11.77
C TRP B 44 3.98 13.29 -11.84
N TYR B 45 3.17 12.56 -12.61
CA TYR B 45 3.33 11.12 -12.56
C TYR B 45 4.57 10.64 -13.31
N SER B 46 4.94 11.33 -14.40
CA SER B 46 6.20 10.97 -15.04
C SER B 46 7.38 11.25 -14.13
N ALA B 47 7.28 12.32 -13.31
CA ALA B 47 8.29 12.57 -12.28
C ALA B 47 8.33 11.41 -11.28
N GLU B 48 7.16 11.00 -10.80
CA GLU B 48 7.13 9.93 -9.80
C GLU B 48 7.69 8.63 -10.36
N GLN B 49 7.42 8.33 -11.64
CA GLN B 49 7.98 7.14 -12.24
C GLN B 49 9.50 7.25 -12.35
N PHE B 50 10.01 8.45 -12.63
CA PHE B 50 11.45 8.66 -12.59
C PHE B 50 11.99 8.36 -11.20
N CYS B 51 11.40 8.95 -10.17
CA CYS B 51 11.84 8.69 -8.81
C CYS B 51 11.83 7.19 -8.52
N VAL B 52 10.73 6.52 -8.86
CA VAL B 52 10.63 5.09 -8.56
C VAL B 52 11.72 4.30 -9.27
N SER B 53 12.07 4.69 -10.49
CA SER B 53 13.18 4.07 -11.21
C SER B 53 14.53 4.28 -10.52
N ARG B 54 14.65 5.31 -9.67
CA ARG B 54 15.87 5.55 -8.90
C ARG B 54 15.70 5.19 -7.43
N ASN B 55 14.88 4.18 -7.14
CA ASN B 55 14.66 3.68 -5.79
C ASN B 55 14.20 4.77 -4.82
N SER B 56 13.27 5.62 -5.27
CA SER B 56 12.83 6.74 -4.45
C SER B 56 11.38 7.08 -4.78
N HIS B 57 10.89 8.16 -4.16
CA HIS B 57 9.56 8.72 -4.40
C HIS B 57 9.66 10.23 -4.45
N LEU B 58 8.74 10.88 -5.15
CA LEU B 58 8.58 12.32 -4.94
C LEU B 58 8.49 12.62 -3.45
N THR B 59 9.15 13.71 -3.01
CA THR B 59 9.44 13.86 -1.59
C THR B 59 8.21 14.16 -0.76
N SER B 60 8.17 13.60 0.45
CA SER B 60 7.27 14.06 1.49
C SER B 60 7.92 15.20 2.28
N VAL B 61 7.11 15.85 3.12
CA VAL B 61 7.58 16.95 3.98
C VAL B 61 6.97 16.73 5.36
N THR B 62 7.81 16.42 6.34
CA THR B 62 7.32 15.96 7.64
C THR B 62 7.78 16.81 8.81
N SER B 63 8.44 17.94 8.56
CA SER B 63 8.87 18.80 9.65
C SER B 63 9.16 20.18 9.10
N GLU B 64 9.22 21.15 10.01
CA GLU B 64 9.53 22.55 9.60
C GLU B 64 10.95 22.59 9.04
N SER B 65 11.89 21.85 9.63
CA SER B 65 13.27 21.92 9.14
C SER B 65 13.42 21.28 7.77
N GLU B 66 12.63 20.23 7.49
CA GLU B 66 12.63 19.68 6.14
C GLU B 66 11.98 20.64 5.16
N GLN B 67 10.84 21.24 5.53
CA GLN B 67 10.22 22.23 4.64
C GLN B 67 11.20 23.34 4.31
N GLU B 68 11.98 23.77 5.32
CA GLU B 68 12.99 24.84 5.16
C GLU B 68 14.10 24.36 4.21
N PHE B 69 14.67 23.18 4.47
CA PHE B 69 15.70 22.65 3.59
C PHE B 69 15.22 22.62 2.14
N LEU B 70 13.96 22.22 1.93
CA LEU B 70 13.45 22.05 0.57
C LEU B 70 13.24 23.38 -0.12
N TYR B 71 12.51 24.31 0.52
CA TYR B 71 12.20 25.56 -0.17
C TYR B 71 13.43 26.43 -0.33
N LYS B 72 14.38 26.39 0.61
CA LYS B 72 15.58 27.19 0.40
C LYS B 72 16.51 26.57 -0.64
N THR B 73 16.58 25.24 -0.72
CA THR B 73 17.35 24.62 -1.79
C THR B 73 16.69 24.84 -3.15
N ALA B 74 15.35 24.97 -3.16
CA ALA B 74 14.65 25.22 -4.42
C ALA B 74 15.00 26.59 -5.01
N GLY B 75 15.33 27.57 -4.16
CA GLY B 75 15.79 28.86 -4.63
C GLY B 75 14.81 29.61 -5.51
N GLY B 76 13.51 29.47 -5.28
CA GLY B 76 12.50 30.17 -6.05
C GLY B 76 11.98 29.45 -7.28
N LEU B 77 12.57 28.31 -7.64
CA LEU B 77 12.00 27.53 -8.73
C LEU B 77 10.90 26.61 -8.20
N ILE B 78 10.01 26.22 -9.09
CA ILE B 78 8.87 25.37 -8.73
C ILE B 78 9.25 23.91 -8.92
N TYR B 79 9.00 23.10 -7.90
CA TYR B 79 9.29 21.67 -7.92
C TYR B 79 8.07 20.86 -7.48
N TRP B 80 7.67 19.91 -8.29
CA TRP B 80 6.71 18.89 -7.86
C TRP B 80 7.24 18.21 -6.61
N ILE B 81 6.38 18.05 -5.60
CA ILE B 81 6.70 17.18 -4.48
C ILE B 81 5.64 16.08 -4.45
N GLY B 82 5.71 15.19 -3.46
CA GLY B 82 4.85 14.01 -3.45
C GLY B 82 3.41 14.22 -3.03
N LEU B 83 2.91 15.46 -3.09
CA LEU B 83 1.54 15.79 -2.73
C LEU B 83 0.58 15.38 -3.83
N THR B 84 -0.45 14.63 -3.47
CA THR B 84 -1.49 14.28 -4.43
C THR B 84 -2.75 13.92 -3.67
N LYS B 85 -3.88 14.02 -4.36
CA LYS B 85 -5.14 13.77 -3.66
C LYS B 85 -5.43 12.28 -3.55
N ALA B 86 -6.18 11.92 -2.50
CA ALA B 86 -6.55 10.54 -2.25
C ALA B 86 -7.96 10.49 -1.68
N GLY B 87 -8.65 9.38 -1.95
CA GLY B 87 -9.99 9.18 -1.43
C GLY B 87 -11.08 10.03 -2.05
N MET B 88 -12.33 9.68 -1.75
CA MET B 88 -13.47 10.45 -2.25
C MET B 88 -13.43 11.89 -1.77
N GLU B 89 -13.02 12.11 -0.52
CA GLU B 89 -13.07 13.43 0.08
C GLU B 89 -12.08 14.40 -0.56
N GLY B 90 -11.13 13.92 -1.36
CA GLY B 90 -10.09 14.78 -1.88
C GLY B 90 -9.03 15.14 -0.87
N ASP B 91 -8.87 14.33 0.18
CA ASP B 91 -7.83 14.58 1.16
C ASP B 91 -6.46 14.52 0.50
N TRP B 92 -5.57 15.40 0.92
CA TRP B 92 -4.22 15.33 0.40
C TRP B 92 -3.45 14.18 1.04
N SER B 93 -2.46 13.68 0.30
CA SER B 93 -1.74 12.47 0.69
C SER B 93 -0.31 12.58 0.19
N TRP B 94 0.56 11.69 0.67
CA TRP B 94 1.95 11.61 0.24
C TRP B 94 2.17 10.33 -0.56
N VAL B 95 2.76 10.46 -1.74
CA VAL B 95 2.91 9.26 -2.59
C VAL B 95 3.86 8.24 -1.95
N ASP B 96 4.78 8.67 -1.08
CA ASP B 96 5.61 7.67 -0.39
C ASP B 96 4.90 7.02 0.78
N ASP B 97 3.62 7.31 0.98
CA ASP B 97 2.72 6.72 1.97
C ASP B 97 2.95 7.20 3.40
N THR B 98 3.75 8.23 3.62
CA THR B 98 3.74 8.90 4.92
C THR B 98 2.33 9.37 5.24
N PRO B 99 1.76 9.03 6.39
CA PRO B 99 0.43 9.55 6.73
C PRO B 99 0.43 11.07 6.75
N PHE B 100 -0.59 11.65 6.15
CA PHE B 100 -0.64 13.10 6.02
C PHE B 100 -1.11 13.73 7.33
N ASN B 101 -0.34 14.70 7.83
CA ASN B 101 -0.62 15.40 9.09
C ASN B 101 -1.16 16.77 8.70
N LYS B 102 -2.50 16.89 8.72
CA LYS B 102 -3.12 18.14 8.33
C LYS B 102 -2.77 19.26 9.31
N VAL B 103 -2.77 18.94 10.61
CA VAL B 103 -2.48 19.97 11.62
C VAL B 103 -1.11 20.57 11.37
N GLN B 104 -0.09 19.74 11.24
CA GLN B 104 1.26 20.26 11.11
C GLN B 104 1.60 20.70 9.70
N SER B 105 0.75 20.41 8.72
CA SER B 105 0.99 20.85 7.35
C SER B 105 0.28 22.15 7.00
N ALA B 106 -0.69 22.58 7.82
CA ALA B 106 -1.55 23.71 7.46
C ALA B 106 -0.72 24.96 7.17
N ARG B 107 0.34 25.18 7.92
CA ARG B 107 1.17 26.37 7.72
C ARG B 107 2.21 26.20 6.62
N PHE B 108 2.16 25.11 5.85
CA PHE B 108 3.09 24.92 4.75
C PHE B 108 2.51 25.29 3.39
N TRP B 109 1.20 25.50 3.31
CA TRP B 109 0.55 25.98 2.10
C TRP B 109 0.70 27.49 1.97
N ILE B 110 0.87 27.96 0.73
CA ILE B 110 0.62 29.38 0.48
C ILE B 110 -0.80 29.71 0.93
N PRO B 111 -1.04 30.82 1.60
CA PRO B 111 -2.40 31.10 2.09
C PRO B 111 -3.40 31.14 0.94
N GLY B 112 -4.57 30.55 1.18
CA GLY B 112 -5.57 30.37 0.17
C GLY B 112 -5.47 29.07 -0.59
N GLU B 113 -4.28 28.41 -0.58
CA GLU B 113 -4.13 27.11 -1.23
C GLU B 113 -4.35 26.01 -0.20
N PRO B 114 -4.78 24.80 -0.64
CA PRO B 114 -5.11 24.46 -2.04
C PRO B 114 -6.44 25.08 -2.45
N ASN B 115 -6.51 25.63 -3.66
CA ASN B 115 -7.73 26.28 -4.12
C ASN B 115 -8.44 25.54 -5.24
N ASN B 116 -7.86 24.45 -5.76
CA ASN B 116 -8.48 23.66 -6.82
C ASN B 116 -8.93 24.56 -7.98
N ALA B 117 -8.01 25.42 -8.43
CA ALA B 117 -8.33 26.36 -9.50
C ALA B 117 -8.77 25.63 -10.76
N GLY B 118 -9.95 26.00 -11.26
CA GLY B 118 -10.52 25.30 -12.40
C GLY B 118 -10.98 23.90 -12.14
N ASN B 119 -11.05 23.50 -10.86
CA ASN B 119 -11.42 22.14 -10.43
C ASN B 119 -10.48 21.08 -11.01
N ASN B 120 -9.22 21.44 -11.25
CA ASN B 120 -8.30 20.50 -11.91
C ASN B 120 -6.91 20.55 -11.29
N GLU B 121 -6.82 20.73 -9.97
CA GLU B 121 -5.50 20.80 -9.31
C GLU B 121 -5.41 19.71 -8.24
N HIS B 122 -4.86 18.56 -8.62
CA HIS B 122 -4.85 17.37 -7.78
C HIS B 122 -3.43 16.89 -7.46
N CYS B 123 -2.42 17.69 -7.79
CA CYS B 123 -1.03 17.44 -7.40
C CYS B 123 -0.49 18.70 -6.73
N GLY B 124 0.58 18.57 -5.96
CA GLY B 124 1.12 19.69 -5.21
C GLY B 124 2.60 19.90 -5.49
N ASN B 125 3.02 21.17 -5.44
CA ASN B 125 4.41 21.52 -5.68
C ASN B 125 4.86 22.53 -4.63
N ILE B 126 6.18 22.71 -4.56
CA ILE B 126 6.80 23.79 -3.79
C ILE B 126 6.92 24.98 -4.74
N LYS B 127 6.26 26.07 -4.39
CA LYS B 127 6.17 27.22 -5.28
C LYS B 127 6.77 28.47 -4.65
N ALA B 128 6.26 28.92 -3.51
CA ALA B 128 6.76 30.19 -2.99
C ALA B 128 8.00 29.99 -2.13
N PRO B 129 8.97 30.90 -2.20
CA PRO B 129 10.16 30.78 -1.32
C PRO B 129 9.86 31.25 0.09
N SER B 130 9.09 30.42 0.80
CA SER B 130 8.59 30.77 2.12
C SER B 130 8.19 29.47 2.81
N LEU B 131 8.12 29.50 4.14
CA LEU B 131 7.58 28.35 4.85
C LEU B 131 6.19 28.01 4.33
N GLN B 132 5.41 29.03 3.97
CA GLN B 132 4.16 28.87 3.25
C GLN B 132 4.50 28.73 1.77
N ALA B 133 4.78 27.51 1.33
CA ALA B 133 5.34 27.29 0.01
C ALA B 133 4.46 26.52 -0.96
N TRP B 134 3.52 25.70 -0.49
CA TRP B 134 2.87 24.75 -1.39
C TRP B 134 1.72 25.37 -2.18
N ASN B 135 1.54 24.88 -3.39
CA ASN B 135 0.39 25.21 -4.23
C ASN B 135 -0.12 23.94 -4.89
N ASP B 136 -1.43 23.80 -5.02
CA ASP B 136 -1.97 22.74 -5.85
C ASP B 136 -2.02 23.21 -7.31
N ALA B 137 -1.68 22.31 -8.22
CA ALA B 137 -1.55 22.59 -9.65
C ALA B 137 -2.04 21.40 -10.46
N PRO B 138 -2.38 21.61 -11.73
CA PRO B 138 -2.74 20.47 -12.58
C PRO B 138 -1.62 19.46 -12.71
N CYS B 139 -1.95 18.18 -12.46
CA CYS B 139 -0.96 17.12 -12.50
C CYS B 139 -0.27 16.97 -13.85
N ASP B 140 -0.90 17.40 -14.95
CA ASP B 140 -0.34 17.23 -16.28
C ASP B 140 0.59 18.36 -16.68
N LYS B 141 0.76 19.35 -15.80
CA LYS B 141 1.71 20.47 -16.05
C LYS B 141 3.12 19.94 -15.78
N THR B 142 4.12 20.46 -16.49
CA THR B 142 5.50 19.99 -16.32
C THR B 142 6.29 20.98 -15.47
N PHE B 143 6.95 20.45 -14.45
CA PHE B 143 7.78 21.22 -13.54
C PHE B 143 9.01 20.38 -13.20
N LEU B 144 10.04 21.05 -12.69
CA LEU B 144 11.09 20.31 -12.01
C LEU B 144 10.45 19.55 -10.84
N PHE B 145 11.21 18.60 -10.26
CA PHE B 145 10.67 17.77 -9.20
C PHE B 145 11.77 17.33 -8.25
N ILE B 146 11.37 16.87 -7.06
CA ILE B 146 12.30 16.47 -5.99
C ILE B 146 11.96 15.04 -5.57
N CYS B 147 12.92 14.12 -5.74
CA CYS B 147 12.81 12.77 -5.18
C CYS B 147 13.48 12.70 -3.81
N LYS B 148 13.02 11.72 -3.02
CA LYS B 148 13.56 11.48 -1.69
C LYS B 148 13.73 9.98 -1.45
N ARG B 149 14.86 9.58 -0.85
CA ARG B 149 15.01 8.17 -0.45
C ARG B 149 15.86 8.08 0.82
N PRO B 150 15.51 7.22 1.75
CA PRO B 150 16.31 7.08 2.96
C PRO B 150 17.64 6.41 2.66
N TYR B 151 18.66 6.81 3.41
CA TYR B 151 19.90 6.05 3.47
C TYR B 151 19.68 4.85 4.38
N VAL B 152 20.10 3.68 3.95
CA VAL B 152 19.94 2.46 4.73
C VAL B 152 21.34 1.91 5.06
N PRO B 153 21.88 2.22 6.25
CA PRO B 153 23.19 1.71 6.70
C PRO B 153 23.27 0.19 6.66
N GLY C 26 -10.24 7.75 25.78
CA GLY C 26 -9.05 8.27 26.45
C GLY C 26 -7.85 8.43 25.53
N TRP C 27 -8.02 9.20 24.46
CA TRP C 27 -6.92 9.48 23.54
C TRP C 27 -6.19 10.74 23.98
N LYS C 28 -4.86 10.70 23.89
CA LYS C 28 -4.02 11.84 24.23
C LYS C 28 -3.56 12.52 22.96
N TYR C 29 -3.49 13.85 23.00
CA TYR C 29 -3.21 14.65 21.81
C TYR C 29 -1.78 15.18 21.84
N PHE C 30 -1.09 15.05 20.70
CA PHE C 30 0.25 15.62 20.56
C PHE C 30 0.57 15.88 19.10
N LYS C 31 0.82 17.15 18.76
CA LYS C 31 1.31 17.59 17.45
C LYS C 31 0.54 16.95 16.28
N GLY C 32 -0.78 17.09 16.30
CA GLY C 32 -1.61 16.69 15.19
C GLY C 32 -2.04 15.24 15.17
N ASN C 33 -1.63 14.44 16.14
CA ASN C 33 -2.01 13.04 16.23
C ASN C 33 -2.63 12.73 17.59
N PHE C 34 -3.58 11.80 17.62
CA PHE C 34 -4.12 11.27 18.86
C PHE C 34 -3.46 9.91 19.17
N TYR C 35 -3.25 9.64 20.46
CA TYR C 35 -2.56 8.42 20.91
C TYR C 35 -3.36 7.68 21.96
N TYR C 36 -3.45 6.37 21.82
CA TYR C 36 -4.14 5.51 22.77
C TYR C 36 -3.11 4.62 23.45
N PHE C 37 -2.97 4.76 24.77
CA PHE C 37 -2.11 3.90 25.58
C PHE C 37 -3.00 2.82 26.17
N SER C 38 -2.78 1.57 25.76
CA SER C 38 -3.72 0.52 26.12
C SER C 38 -3.59 0.15 27.60
N LEU C 39 -4.66 -0.45 28.12
CA LEU C 39 -4.65 -0.99 29.47
C LEU C 39 -4.61 -2.51 29.49
N ILE C 40 -4.82 -3.17 28.36
CA ILE C 40 -4.77 -4.63 28.24
C ILE C 40 -3.62 -5.02 27.31
N PRO C 41 -2.86 -6.06 27.63
CA PRO C 41 -1.78 -6.47 26.74
C PRO C 41 -2.27 -7.36 25.62
N LYS C 42 -1.54 -7.33 24.51
CA LYS C 42 -1.85 -8.14 23.33
C LYS C 42 -0.55 -8.44 22.60
N THR C 43 -0.61 -9.46 21.73
CA THR C 43 0.49 -9.68 20.80
C THR C 43 0.62 -8.48 19.89
N TRP C 44 1.76 -8.39 19.20
CA TRP C 44 1.96 -7.24 18.31
C TRP C 44 0.85 -7.15 17.27
N TYR C 45 0.52 -8.25 16.60
CA TYR C 45 -0.46 -8.13 15.52
C TYR C 45 -1.88 -7.96 16.04
N SER C 46 -2.24 -8.63 17.13
CA SER C 46 -3.55 -8.41 17.74
C SER C 46 -3.68 -6.98 18.23
N ALA C 47 -2.58 -6.37 18.68
CA ALA C 47 -2.58 -4.95 19.01
C ALA C 47 -2.80 -4.09 17.76
N GLU C 48 -2.09 -4.40 16.68
CA GLU C 48 -2.29 -3.66 15.44
C GLU C 48 -3.73 -3.77 14.97
N GLN C 49 -4.34 -4.94 15.11
N GLN C 49 -4.32 -4.96 15.08
CA GLN C 49 -5.73 -5.06 14.67
CA GLN C 49 -5.72 -5.15 14.71
C GLN C 49 -6.67 -4.29 15.57
C GLN C 49 -6.64 -4.27 15.56
N PHE C 50 -6.38 -4.21 16.88
CA PHE C 50 -7.16 -3.33 17.73
C PHE C 50 -7.05 -1.88 17.26
N CYS C 51 -5.82 -1.43 16.98
CA CYS C 51 -5.65 -0.08 16.49
C CYS C 51 -6.42 0.16 15.20
N VAL C 52 -6.41 -0.82 14.28
CA VAL C 52 -7.10 -0.62 13.00
C VAL C 52 -8.62 -0.52 13.21
N SER C 53 -9.17 -1.32 14.14
CA SER C 53 -10.59 -1.19 14.47
C SER C 53 -10.93 0.19 15.04
N ARG C 54 -9.93 0.91 15.56
CA ARG C 54 -10.13 2.26 16.05
C ARG C 54 -9.64 3.32 15.08
N ASN C 55 -9.55 2.97 13.79
CA ASN C 55 -9.15 3.93 12.76
C ASN C 55 -7.72 4.44 13.00
N SER C 56 -6.82 3.53 13.35
CA SER C 56 -5.48 3.94 13.72
C SER C 56 -4.50 2.81 13.43
N HIS C 57 -3.23 3.05 13.74
CA HIS C 57 -2.16 2.07 13.63
C HIS C 57 -1.32 2.12 14.90
N LEU C 58 -0.62 1.02 15.19
CA LEU C 58 0.45 1.10 16.18
C LEU C 58 1.40 2.24 15.80
N THR C 59 1.85 3.00 16.81
CA THR C 59 2.46 4.29 16.54
C THR C 59 3.83 4.18 15.86
N SER C 60 4.07 5.08 14.90
CA SER C 60 5.42 5.36 14.41
C SER C 60 6.09 6.39 15.33
N VAL C 61 7.38 6.60 15.11
CA VAL C 61 8.15 7.58 15.88
C VAL C 61 9.04 8.33 14.91
N THR C 62 8.77 9.62 14.72
CA THR C 62 9.35 10.38 13.61
C THR C 62 10.14 11.60 14.05
N SER C 63 10.29 11.83 15.36
CA SER C 63 11.09 12.95 15.82
C SER C 63 11.53 12.66 17.25
N GLU C 64 12.54 13.41 17.69
CA GLU C 64 12.93 13.32 19.09
C GLU C 64 11.81 13.76 20.03
N SER C 65 11.08 14.82 19.66
N SER C 65 11.08 14.81 19.65
CA SER C 65 9.98 15.27 20.51
CA SER C 65 9.97 15.28 20.48
C SER C 65 8.89 14.21 20.63
C SER C 65 8.90 14.22 20.63
N GLU C 66 8.61 13.47 19.55
CA GLU C 66 7.62 12.40 19.64
C GLU C 66 8.14 11.26 20.49
N GLN C 67 9.40 10.87 20.29
CA GLN C 67 9.99 9.83 21.13
C GLN C 67 9.90 10.21 22.59
N GLU C 68 10.22 11.47 22.90
CA GLU C 68 10.17 11.95 24.27
C GLU C 68 8.74 11.94 24.81
N PHE C 69 7.77 12.37 24.00
CA PHE C 69 6.38 12.29 24.41
C PHE C 69 5.97 10.85 24.72
N LEU C 70 6.36 9.92 23.87
CA LEU C 70 5.94 8.52 24.02
C LEU C 70 6.59 7.86 25.23
N TYR C 71 7.91 7.96 25.38
CA TYR C 71 8.55 7.22 26.47
C TYR C 71 8.20 7.82 27.83
N LYS C 72 8.06 9.15 27.90
CA LYS C 72 7.69 9.75 29.18
C LYS C 72 6.27 9.38 29.57
N THR C 73 5.33 9.40 28.63
CA THR C 73 3.97 8.96 28.93
C THR C 73 3.92 7.47 29.29
N ALA C 74 4.77 6.66 28.64
CA ALA C 74 4.78 5.24 28.97
C ALA C 74 5.18 5.00 30.42
N GLY C 75 5.99 5.89 30.98
CA GLY C 75 6.27 5.86 32.41
C GLY C 75 6.96 4.61 32.90
N GLY C 76 7.77 3.97 32.07
CA GLY C 76 8.59 2.84 32.50
C GLY C 76 8.00 1.48 32.27
N LEU C 77 6.78 1.40 31.72
CA LEU C 77 6.16 0.17 31.28
C LEU C 77 6.46 -0.07 29.81
N ILE C 78 6.33 -1.33 29.39
CA ILE C 78 6.65 -1.74 28.03
C ILE C 78 5.40 -1.64 27.16
N TYR C 79 5.51 -0.96 26.01
CA TYR C 79 4.41 -0.85 25.05
C TYR C 79 4.90 -1.20 23.65
N TRP C 80 4.18 -2.12 22.98
CA TRP C 80 4.37 -2.31 21.55
C TRP C 80 4.20 -0.98 20.81
N ILE C 81 5.09 -0.73 19.85
CA ILE C 81 4.88 0.35 18.90
C ILE C 81 4.85 -0.27 17.50
N GLY C 82 4.74 0.57 16.46
CA GLY C 82 4.57 0.07 15.10
C GLY C 82 5.82 -0.47 14.41
N LEU C 83 6.87 -0.79 15.17
CA LEU C 83 8.13 -1.31 14.65
C LEU C 83 8.00 -2.77 14.26
N THR C 84 8.29 -3.11 13.00
CA THR C 84 8.27 -4.51 12.58
C THR C 84 9.21 -4.70 11.40
N LYS C 85 9.75 -5.91 11.27
CA LYS C 85 10.61 -6.19 10.12
C LYS C 85 9.77 -6.42 8.87
N ALA C 86 10.28 -5.96 7.73
CA ALA C 86 9.58 -6.15 6.46
C ALA C 86 10.60 -6.32 5.33
N GLY C 87 10.11 -6.84 4.21
CA GLY C 87 10.98 -7.15 3.09
C GLY C 87 11.87 -8.36 3.30
N MET C 88 12.55 -8.78 2.23
CA MET C 88 13.43 -9.98 2.26
C MET C 88 14.60 -9.79 3.23
N GLU C 89 15.19 -8.59 3.26
CA GLU C 89 16.36 -8.37 4.10
C GLU C 89 16.00 -8.11 5.56
N GLY C 90 14.72 -8.02 5.87
CA GLY C 90 14.31 -7.83 7.25
C GLY C 90 14.64 -6.48 7.83
N ASP C 91 14.68 -5.44 7.01
CA ASP C 91 14.90 -4.11 7.55
C ASP C 91 13.69 -3.66 8.37
N TRP C 92 13.94 -2.81 9.35
CA TRP C 92 12.85 -2.33 10.18
C TRP C 92 11.97 -1.37 9.39
N SER C 93 10.67 -1.37 9.74
CA SER C 93 9.66 -0.60 9.03
C SER C 93 8.61 -0.17 10.03
N TRP C 94 7.74 0.74 9.58
CA TRP C 94 6.60 1.21 10.37
C TRP C 94 5.31 0.63 9.78
N VAL C 95 4.47 0.04 10.63
CA VAL C 95 3.23 -0.55 10.11
C VAL C 95 2.27 0.51 9.55
N ASP C 96 2.37 1.78 10.00
CA ASP C 96 1.53 2.82 9.41
C ASP C 96 2.08 3.33 8.07
N ASP C 97 3.13 2.70 7.54
CA ASP C 97 3.73 2.93 6.23
C ASP C 97 4.54 4.22 6.14
N THR C 98 4.78 4.92 7.24
CA THR C 98 5.84 5.92 7.26
C THR C 98 7.16 5.29 6.82
N PRO C 99 7.86 5.84 5.82
CA PRO C 99 9.18 5.33 5.49
C PRO C 99 10.10 5.36 6.71
N PHE C 100 10.83 4.27 6.91
CA PHE C 100 11.68 4.15 8.10
C PHE C 100 13.01 4.90 7.88
N ASN C 101 13.30 5.85 8.76
CA ASN C 101 14.57 6.59 8.73
C ASN C 101 15.53 5.88 9.67
N LYS C 102 16.37 4.99 9.11
CA LYS C 102 17.27 4.23 9.95
C LYS C 102 18.31 5.14 10.58
N VAL C 103 18.77 6.14 9.84
CA VAL C 103 19.80 7.05 10.37
C VAL C 103 19.31 7.72 11.63
N GLN C 104 18.14 8.36 11.54
CA GLN C 104 17.59 9.15 12.63
C GLN C 104 17.01 8.30 13.75
N SER C 105 16.72 7.02 13.48
CA SER C 105 16.21 6.15 14.53
C SER C 105 17.28 5.43 15.32
N ALA C 106 18.54 5.46 14.88
CA ALA C 106 19.60 4.79 15.62
C ALA C 106 19.66 5.27 17.06
N ARG C 107 19.38 6.56 17.28
CA ARG C 107 19.40 7.16 18.62
C ARG C 107 18.30 6.62 19.52
N PHE C 108 17.29 5.92 18.99
CA PHE C 108 16.12 5.59 19.78
C PHE C 108 16.12 4.17 20.32
N TRP C 109 17.09 3.35 19.91
CA TRP C 109 17.23 1.99 20.43
C TRP C 109 17.99 2.00 21.75
N ILE C 110 17.58 1.12 22.65
CA ILE C 110 18.45 0.80 23.79
C ILE C 110 19.81 0.34 23.27
N PRO C 111 20.93 0.78 23.86
CA PRO C 111 22.24 0.33 23.37
C PRO C 111 22.32 -1.19 23.34
N GLY C 112 22.84 -1.72 22.22
CA GLY C 112 22.89 -3.14 21.99
C GLY C 112 21.70 -3.71 21.26
N GLU C 113 20.59 -2.94 21.16
CA GLU C 113 19.41 -3.36 20.41
C GLU C 113 19.38 -2.68 19.05
N PRO C 114 18.77 -3.30 18.03
CA PRO C 114 18.13 -4.63 18.09
C PRO C 114 19.15 -5.76 18.09
N ASN C 115 18.96 -6.79 18.90
CA ASN C 115 19.92 -7.87 18.97
C ASN C 115 19.38 -9.19 18.44
N ASN C 116 18.10 -9.26 18.06
CA ASN C 116 17.49 -10.46 17.49
C ASN C 116 17.76 -11.69 18.37
N ALA C 117 17.38 -11.57 19.64
CA ALA C 117 17.52 -12.68 20.59
C ALA C 117 16.78 -13.91 20.11
N GLY C 118 17.47 -15.05 20.12
CA GLY C 118 16.86 -16.29 19.67
C GLY C 118 16.52 -16.30 18.20
N ASN C 119 17.05 -15.33 17.45
CA ASN C 119 16.71 -15.13 16.04
C ASN C 119 15.19 -15.05 15.82
N ASN C 120 14.47 -14.48 16.80
CA ASN C 120 13.01 -14.50 16.73
C ASN C 120 12.40 -13.19 17.20
N GLU C 121 13.10 -12.07 17.06
CA GLU C 121 12.60 -10.79 17.56
C GLU C 121 12.37 -9.86 16.37
N HIS C 122 11.16 -9.89 15.82
CA HIS C 122 10.86 -9.21 14.58
C HIS C 122 9.85 -8.08 14.75
N CYS C 123 9.52 -7.71 15.99
CA CYS C 123 8.67 -6.56 16.31
C CYS C 123 9.39 -5.74 17.38
N GLY C 124 8.95 -4.50 17.56
CA GLY C 124 9.65 -3.58 18.45
C GLY C 124 8.72 -2.90 19.42
N ASN C 125 9.27 -2.57 20.60
CA ASN C 125 8.48 -1.91 21.63
C ASN C 125 9.29 -0.80 22.27
N ILE C 126 8.58 0.03 23.03
CA ILE C 126 9.22 0.99 23.94
C ILE C 126 9.38 0.27 25.27
N LYS C 127 10.62 0.12 25.72
CA LYS C 127 10.97 -0.64 26.91
C LYS C 127 11.58 0.24 27.99
N ALA C 128 12.53 1.08 27.65
CA ALA C 128 13.19 1.82 28.71
C ALA C 128 12.73 3.28 28.71
N PRO C 129 12.60 3.90 29.90
CA PRO C 129 12.25 5.33 29.99
C PRO C 129 13.46 6.24 29.77
N SER C 130 13.81 6.41 28.50
CA SER C 130 14.98 7.12 28.03
C SER C 130 14.77 7.38 26.55
N LEU C 131 15.47 8.38 26.01
CA LEU C 131 15.46 8.55 24.56
C LEU C 131 15.91 7.27 23.86
N GLN C 132 16.86 6.55 24.45
N GLN C 132 16.87 6.55 24.44
CA GLN C 132 17.21 5.20 24.01
CA GLN C 132 17.21 5.19 24.02
C GLN C 132 16.22 4.24 24.67
C GLN C 132 16.22 4.24 24.67
N ALA C 133 15.08 4.04 24.01
CA ALA C 133 13.97 3.29 24.60
C ALA C 133 13.67 1.95 23.96
N TRP C 134 14.00 1.74 22.69
CA TRP C 134 13.37 0.64 21.97
C TRP C 134 14.10 -0.69 22.17
N ASN C 135 13.33 -1.77 22.15
CA ASN C 135 13.87 -3.13 22.13
C ASN C 135 13.12 -3.93 21.08
N ASP C 136 13.83 -4.81 20.37
CA ASP C 136 13.16 -5.82 19.55
C ASP C 136 12.80 -7.03 20.40
N ALA C 137 11.60 -7.56 20.19
CA ALA C 137 11.05 -8.65 20.99
C ALA C 137 10.22 -9.54 20.07
N PRO C 138 9.96 -10.79 20.47
CA PRO C 138 9.15 -11.68 19.63
C PRO C 138 7.73 -11.16 19.46
N CYS C 139 7.26 -11.14 18.21
CA CYS C 139 5.96 -10.56 17.91
C CYS C 139 4.81 -11.24 18.64
N ASP C 140 4.98 -12.50 19.04
CA ASP C 140 3.91 -13.24 19.68
C ASP C 140 3.91 -13.07 21.20
N LYS C 141 4.78 -12.20 21.70
CA LYS C 141 4.80 -11.88 23.15
C LYS C 141 3.69 -10.84 23.39
N THR C 142 3.08 -10.84 24.57
CA THR C 142 1.99 -9.93 24.90
C THR C 142 2.53 -8.76 25.70
N PHE C 143 2.19 -7.54 25.27
CA PHE C 143 2.52 -6.31 25.97
C PHE C 143 1.37 -5.33 25.80
N LEU C 144 1.35 -4.29 26.65
CA LEU C 144 0.54 -3.13 26.34
C LEU C 144 0.99 -2.54 24.99
N PHE C 145 0.21 -1.62 24.44
CA PHE C 145 0.50 -1.10 23.11
C PHE C 145 -0.02 0.33 22.97
N ILE C 146 0.54 1.05 21.99
CA ILE C 146 0.19 2.45 21.71
C ILE C 146 -0.31 2.59 20.28
N CYS C 147 -1.55 3.05 20.11
CA CYS C 147 -2.08 3.40 18.79
C CYS C 147 -1.89 4.89 18.49
N LYS C 148 -1.81 5.21 17.20
CA LYS C 148 -1.65 6.57 16.73
C LYS C 148 -2.59 6.86 15.57
N ARG C 149 -3.21 8.04 15.58
CA ARG C 149 -4.03 8.40 14.42
C ARG C 149 -4.05 9.91 14.26
N PRO C 150 -3.90 10.41 13.04
CA PRO C 150 -3.88 11.86 12.83
C PRO C 150 -5.28 12.45 12.98
N TYR C 151 -5.31 13.69 13.44
CA TYR C 151 -6.54 14.47 13.41
C TYR C 151 -6.89 14.75 11.95
N VAL C 152 -8.11 14.36 11.56
CA VAL C 152 -8.60 14.56 10.19
C VAL C 152 -9.91 15.33 10.27
N PRO C 153 -9.94 16.60 9.84
CA PRO C 153 -11.22 17.32 9.88
C PRO C 153 -12.07 17.01 8.66
N GLY D 26 11.27 -26.02 -1.79
CA GLY D 26 10.04 -26.80 -1.87
C GLY D 26 8.80 -25.98 -2.15
N TRP D 27 8.77 -25.32 -3.31
CA TRP D 27 7.63 -24.53 -3.75
C TRP D 27 6.90 -25.25 -4.88
N LYS D 28 5.57 -25.20 -4.86
N LYS D 28 5.57 -25.22 -4.84
CA LYS D 28 4.73 -25.82 -5.87
CA LYS D 28 4.73 -25.81 -5.86
C LYS D 28 4.19 -24.77 -6.82
C LYS D 28 4.24 -24.74 -6.83
N TYR D 29 4.09 -25.11 -8.10
CA TYR D 29 3.71 -24.17 -9.15
C TYR D 29 2.28 -24.39 -9.62
N PHE D 30 1.54 -23.28 -9.78
CA PHE D 30 0.18 -23.30 -10.31
C PHE D 30 -0.13 -21.95 -10.92
N LYS D 31 -0.38 -21.92 -12.23
CA LYS D 31 -0.89 -20.77 -12.97
C LYS D 31 -0.16 -19.47 -12.63
N GLY D 32 1.16 -19.46 -12.82
CA GLY D 32 1.89 -18.21 -12.72
C GLY D 32 2.37 -17.87 -11.33
N ASN D 33 2.05 -18.69 -10.33
CA ASN D 33 2.43 -18.45 -8.94
C ASN D 33 3.12 -19.67 -8.36
N PHE D 34 4.07 -19.44 -7.45
CA PHE D 34 4.67 -20.48 -6.63
C PHE D 34 4.06 -20.44 -5.23
N TYR D 35 3.86 -21.61 -4.63
CA TYR D 35 3.22 -21.72 -3.33
C TYR D 35 4.08 -22.55 -2.39
N TYR D 36 4.12 -22.15 -1.12
CA TYR D 36 4.89 -22.84 -0.09
C TYR D 36 3.93 -23.31 0.99
N PHE D 37 3.81 -24.62 1.15
CA PHE D 37 2.96 -25.24 2.17
C PHE D 37 3.86 -25.60 3.36
N SER D 38 3.70 -24.88 4.48
CA SER D 38 4.69 -25.02 5.54
C SER D 38 4.57 -26.37 6.27
N LEU D 39 5.68 -26.75 6.89
CA LEU D 39 5.76 -27.93 7.73
C LEU D 39 5.76 -27.57 9.22
N ILE D 40 5.95 -26.30 9.55
CA ILE D 40 5.99 -25.79 10.91
C ILE D 40 4.77 -24.87 11.12
N PRO D 41 4.07 -24.98 12.24
CA PRO D 41 2.97 -24.05 12.49
C PRO D 41 3.45 -22.74 13.11
N LYS D 42 2.72 -21.67 12.83
CA LYS D 42 3.01 -20.34 13.37
C LYS D 42 1.69 -19.58 13.56
N THR D 43 1.74 -18.52 14.38
CA THR D 43 0.63 -17.57 14.39
C THR D 43 0.49 -16.93 13.02
N TRP D 44 -0.66 -16.29 12.79
CA TRP D 44 -0.90 -15.66 11.49
C TRP D 44 0.19 -14.66 11.14
N TYR D 45 0.52 -13.76 12.07
CA TYR D 45 1.50 -12.73 11.70
C TYR D 45 2.91 -13.28 11.62
N SER D 46 3.28 -14.22 12.50
CA SER D 46 4.61 -14.81 12.33
C SER D 46 4.71 -15.59 11.03
N ALA D 47 3.60 -16.22 10.61
CA ALA D 47 3.56 -16.85 9.28
C ALA D 47 3.79 -15.82 8.19
N GLU D 48 3.09 -14.69 8.25
CA GLU D 48 3.23 -13.67 7.23
C GLU D 48 4.67 -13.15 7.18
N GLN D 49 5.30 -12.96 8.33
CA GLN D 49 6.70 -12.56 8.37
C GLN D 49 7.62 -13.60 7.73
N PHE D 50 7.34 -14.88 7.96
CA PHE D 50 8.10 -15.91 7.26
C PHE D 50 7.94 -15.76 5.75
N CYS D 51 6.68 -15.61 5.28
CA CYS D 51 6.46 -15.43 3.84
C CYS D 51 7.21 -14.21 3.31
N VAL D 52 7.14 -13.09 4.02
CA VAL D 52 7.81 -11.87 3.57
C VAL D 52 9.33 -12.08 3.51
N SER D 53 9.89 -12.84 4.46
CA SER D 53 11.32 -13.13 4.41
C SER D 53 11.70 -13.98 3.21
N ARG D 54 10.72 -14.60 2.56
CA ARG D 54 10.93 -15.40 1.35
C ARG D 54 10.35 -14.73 0.11
N ASN D 55 10.25 -13.39 0.12
CA ASN D 55 9.75 -12.63 -1.02
C ASN D 55 8.35 -13.07 -1.43
N SER D 56 7.48 -13.24 -0.44
CA SER D 56 6.14 -13.75 -0.69
C SER D 56 5.17 -13.21 0.37
N HIS D 57 3.91 -13.65 0.29
CA HIS D 57 2.86 -13.28 1.23
C HIS D 57 2.01 -14.51 1.49
N LEU D 58 1.34 -14.54 2.65
CA LEU D 58 0.28 -15.52 2.83
C LEU D 58 -0.70 -15.42 1.67
N THR D 59 -1.11 -16.57 1.15
CA THR D 59 -1.76 -16.61 -0.15
C THR D 59 -3.12 -15.91 -0.18
N SER D 60 -3.36 -15.16 -1.25
CA SER D 60 -4.71 -14.79 -1.65
C SER D 60 -5.38 -15.91 -2.47
N VAL D 61 -6.70 -15.80 -2.63
CA VAL D 61 -7.48 -16.76 -3.41
C VAL D 61 -8.40 -15.97 -4.32
N THR D 62 -8.22 -16.08 -5.63
CA THR D 62 -8.88 -15.20 -6.57
C THR D 62 -9.62 -15.93 -7.68
N SER D 63 -9.75 -17.25 -7.60
CA SER D 63 -10.52 -18.00 -8.57
C SER D 63 -10.88 -19.35 -7.97
N GLU D 64 -11.92 -19.97 -8.56
CA GLU D 64 -12.31 -21.32 -8.16
C GLU D 64 -11.18 -22.33 -8.38
N SER D 65 -10.48 -22.22 -9.51
CA SER D 65 -9.39 -23.16 -9.75
C SER D 65 -8.25 -22.99 -8.75
N GLU D 66 -7.98 -21.77 -8.30
CA GLU D 66 -6.96 -21.60 -7.25
C GLU D 66 -7.44 -22.16 -5.91
N GLN D 67 -8.70 -21.87 -5.55
CA GLN D 67 -9.25 -22.47 -4.32
C GLN D 67 -9.15 -23.98 -4.37
N GLU D 68 -9.48 -24.57 -5.52
CA GLU D 68 -9.40 -26.02 -5.67
C GLU D 68 -7.96 -26.52 -5.54
N PHE D 69 -7.01 -25.86 -6.23
CA PHE D 69 -5.61 -26.23 -6.06
C PHE D 69 -5.20 -26.19 -4.58
N LEU D 70 -5.59 -25.14 -3.86
CA LEU D 70 -5.12 -24.99 -2.48
C LEU D 70 -5.74 -26.02 -1.55
N TYR D 71 -7.07 -26.19 -1.59
CA TYR D 71 -7.66 -27.10 -0.61
C TYR D 71 -7.28 -28.53 -0.90
N LYS D 72 -7.17 -28.90 -2.19
CA LYS D 72 -6.74 -30.27 -2.51
C LYS D 72 -5.30 -30.52 -2.09
N THR D 73 -4.40 -29.55 -2.32
CA THR D 73 -3.02 -29.73 -1.87
C THR D 73 -2.92 -29.72 -0.35
N ALA D 74 -3.79 -28.97 0.34
CA ALA D 74 -3.77 -28.94 1.81
C ALA D 74 -4.14 -30.30 2.39
N GLY D 75 -4.91 -31.10 1.66
CA GLY D 75 -5.14 -32.48 2.05
C GLY D 75 -5.80 -32.67 3.40
N GLY D 76 -6.70 -31.76 3.79
CA GLY D 76 -7.43 -31.93 5.03
C GLY D 76 -6.78 -31.33 6.27
N LEU D 77 -5.59 -30.76 6.14
CA LEU D 77 -4.96 -30.07 7.26
C LEU D 77 -5.28 -28.58 7.14
N ILE D 78 -5.20 -27.89 8.28
CA ILE D 78 -5.58 -26.48 8.38
C ILE D 78 -4.35 -25.60 8.12
N TYR D 79 -4.49 -24.66 7.17
CA TYR D 79 -3.43 -23.74 6.81
C TYR D 79 -3.91 -22.29 6.87
N TRP D 80 -3.16 -21.44 7.57
CA TRP D 80 -3.38 -20.00 7.44
C TRP D 80 -3.25 -19.57 5.98
N ILE D 81 -4.16 -18.68 5.55
CA ILE D 81 -3.99 -17.97 4.28
C ILE D 81 -4.02 -16.46 4.53
N GLY D 82 -3.99 -15.66 3.48
CA GLY D 82 -3.81 -14.23 3.66
C GLY D 82 -5.02 -13.41 4.08
N LEU D 83 -6.06 -14.07 4.58
CA LEU D 83 -7.30 -13.41 5.03
C LEU D 83 -7.09 -12.71 6.36
N THR D 84 -7.38 -11.41 6.41
CA THR D 84 -7.35 -10.71 7.68
C THR D 84 -8.25 -9.48 7.60
N LYS D 85 -8.75 -9.05 8.76
CA LYS D 85 -9.66 -7.91 8.80
C LYS D 85 -8.90 -6.59 8.65
N ALA D 86 -9.54 -5.61 8.01
CA ALA D 86 -8.92 -4.32 7.77
C ALA D 86 -9.97 -3.22 7.84
N GLY D 87 -9.50 -2.00 8.08
CA GLY D 87 -10.37 -0.85 8.23
C GLY D 87 -11.22 -0.84 9.49
N MET D 88 -11.87 0.29 9.76
CA MET D 88 -12.69 0.42 10.95
C MET D 88 -13.90 -0.51 10.93
N GLU D 89 -14.43 -0.82 9.74
CA GLU D 89 -15.58 -1.70 9.63
C GLU D 89 -15.21 -3.17 9.80
N GLY D 90 -13.92 -3.51 9.74
CA GLY D 90 -13.51 -4.89 9.88
C GLY D 90 -13.85 -5.76 8.68
N ASP D 91 -13.86 -5.18 7.48
CA ASP D 91 -14.05 -5.97 6.27
C ASP D 91 -12.85 -6.89 6.04
N TRP D 92 -13.11 -8.04 5.45
CA TRP D 92 -12.02 -8.94 5.13
C TRP D 92 -11.17 -8.35 4.01
N SER D 93 -9.88 -8.68 4.03
CA SER D 93 -8.90 -8.16 3.11
C SER D 93 -7.86 -9.24 2.85
N TRP D 94 -7.02 -9.00 1.85
CA TRP D 94 -5.89 -9.87 1.53
C TRP D 94 -4.59 -9.17 1.91
N VAL D 95 -3.71 -9.86 2.66
CA VAL D 95 -2.47 -9.21 3.10
C VAL D 95 -1.55 -8.92 1.91
N ASP D 96 -1.70 -9.62 0.78
CA ASP D 96 -0.87 -9.30 -0.39
C ASP D 96 -1.42 -8.11 -1.18
N ASP D 97 -2.47 -7.48 -0.69
CA ASP D 97 -3.10 -6.25 -1.18
C ASP D 97 -3.97 -6.45 -2.42
N THR D 98 -4.21 -7.68 -2.87
CA THR D 98 -5.30 -7.96 -3.78
C THR D 98 -6.61 -7.39 -3.21
N PRO D 99 -7.34 -6.57 -3.96
CA PRO D 99 -8.67 -6.13 -3.49
C PRO D 99 -9.54 -7.34 -3.18
N PHE D 100 -10.24 -7.28 -2.05
CA PHE D 100 -11.09 -8.38 -1.61
C PHE D 100 -12.46 -8.25 -2.27
N ASN D 101 -12.88 -9.31 -2.95
CA ASN D 101 -14.14 -9.31 -3.70
C ASN D 101 -15.09 -10.13 -2.83
N LYS D 102 -15.98 -9.45 -2.10
N LYS D 102 -15.96 -9.44 -2.09
CA LYS D 102 -16.88 -10.18 -1.22
CA LYS D 102 -16.90 -10.14 -1.22
C LYS D 102 -17.90 -11.00 -2.02
C LYS D 102 -17.87 -11.00 -2.03
N VAL D 103 -18.37 -10.49 -3.16
CA VAL D 103 -19.33 -11.24 -3.96
C VAL D 103 -18.70 -12.54 -4.46
N GLN D 104 -17.50 -12.45 -5.01
CA GLN D 104 -16.93 -13.65 -5.62
C GLN D 104 -16.35 -14.61 -4.59
N SER D 105 -16.12 -14.15 -3.35
N SER D 105 -16.12 -14.15 -3.35
CA SER D 105 -15.56 -15.00 -2.31
CA SER D 105 -15.57 -15.02 -2.31
C SER D 105 -16.63 -15.66 -1.44
C SER D 105 -16.63 -15.65 -1.44
N ALA D 106 -17.90 -15.29 -1.60
CA ALA D 106 -18.94 -15.84 -0.75
C ALA D 106 -18.98 -17.36 -0.81
N ARG D 107 -18.73 -17.92 -2.00
N ARG D 107 -18.74 -17.93 -1.99
CA ARG D 107 -18.74 -19.35 -2.25
CA ARG D 107 -18.80 -19.38 -2.16
C ARG D 107 -17.64 -20.11 -1.51
C ARG D 107 -17.59 -20.11 -1.60
N PHE D 108 -16.63 -19.42 -0.98
CA PHE D 108 -15.42 -20.07 -0.49
C PHE D 108 -15.41 -20.26 1.03
N TRP D 109 -16.38 -19.70 1.74
CA TRP D 109 -16.48 -19.89 3.19
C TRP D 109 -17.20 -21.19 3.55
N ILE D 110 -16.75 -21.84 4.61
CA ILE D 110 -17.56 -22.89 5.24
C ILE D 110 -18.91 -22.30 5.64
N PRO D 111 -20.03 -22.97 5.37
CA PRO D 111 -21.33 -22.44 5.81
C PRO D 111 -21.34 -22.13 7.30
N GLY D 112 -21.81 -20.94 7.63
CA GLY D 112 -21.75 -20.42 8.98
C GLY D 112 -20.61 -19.45 9.21
N GLU D 113 -19.57 -19.50 8.40
CA GLU D 113 -18.40 -18.66 8.59
C GLU D 113 -18.42 -17.48 7.61
N PRO D 114 -17.81 -16.35 7.98
CA PRO D 114 -17.10 -16.10 9.25
C PRO D 114 -18.08 -15.84 10.39
N ASN D 115 -17.83 -16.41 11.57
CA ASN D 115 -18.76 -16.24 12.70
C ASN D 115 -18.18 -15.47 13.87
N ASN D 116 -16.92 -15.01 13.79
CA ASN D 116 -16.29 -14.19 14.84
C ASN D 116 -16.48 -14.80 16.24
N ALA D 117 -16.16 -16.08 16.36
CA ALA D 117 -16.34 -16.76 17.64
C ALA D 117 -15.54 -16.07 18.74
N GLY D 118 -16.19 -15.80 19.87
CA GLY D 118 -15.55 -15.07 20.95
C GLY D 118 -15.19 -13.64 20.63
N ASN D 119 -15.71 -13.10 19.52
CA ASN D 119 -15.37 -11.74 19.07
C ASN D 119 -13.87 -11.56 18.89
N ASN D 120 -13.18 -12.64 18.52
CA ASN D 120 -11.72 -12.61 18.49
C ASN D 120 -11.17 -13.35 17.28
N GLU D 121 -11.91 -13.38 16.16
CA GLU D 121 -11.46 -14.16 15.00
C GLU D 121 -11.26 -13.21 13.82
N HIS D 122 -10.05 -12.67 13.69
CA HIS D 122 -9.74 -11.61 12.76
C HIS D 122 -8.76 -12.04 11.67
N CYS D 123 -8.52 -13.35 11.55
CA CYS D 123 -7.66 -13.92 10.52
C CYS D 123 -8.39 -15.14 9.95
N GLY D 124 -7.96 -15.60 8.78
CA GLY D 124 -8.65 -16.69 8.12
C GLY D 124 -7.72 -17.79 7.62
N ASN D 125 -8.26 -19.02 7.61
CA ASN D 125 -7.49 -20.18 7.18
C ASN D 125 -8.33 -21.06 6.24
N ILE D 126 -7.64 -21.97 5.56
CA ILE D 126 -8.29 -23.05 4.84
C ILE D 126 -8.45 -24.20 5.83
N LYS D 127 -9.71 -24.58 6.08
CA LYS D 127 -10.01 -25.58 7.10
C LYS D 127 -10.64 -26.84 6.52
N ALA D 128 -11.66 -26.72 5.68
CA ALA D 128 -12.37 -27.89 5.18
C ALA D 128 -11.92 -28.25 3.78
N PRO D 129 -11.70 -29.54 3.48
CA PRO D 129 -11.36 -29.96 2.11
C PRO D 129 -12.58 -29.98 1.19
N SER D 130 -12.99 -28.77 0.80
CA SER D 130 -14.16 -28.48 -0.01
C SER D 130 -13.95 -27.10 -0.62
N LEU D 131 -14.66 -26.81 -1.72
CA LEU D 131 -14.62 -25.45 -2.22
C LEU D 131 -15.08 -24.44 -1.16
N GLN D 132 -16.01 -24.87 -0.29
CA GLN D 132 -16.35 -24.11 0.92
C GLN D 132 -15.36 -24.53 2.02
N ALA D 133 -14.22 -23.83 2.05
CA ALA D 133 -13.08 -24.23 2.87
C ALA D 133 -12.75 -23.27 4.00
N TRP D 134 -13.05 -21.98 3.87
CA TRP D 134 -12.43 -21.01 4.79
C TRP D 134 -13.14 -20.94 6.13
N ASN D 135 -12.34 -20.68 7.17
CA ASN D 135 -12.85 -20.34 8.50
C ASN D 135 -12.10 -19.14 9.04
N ASP D 136 -12.78 -18.31 9.84
CA ASP D 136 -12.09 -17.30 10.63
C ASP D 136 -11.73 -17.89 11.99
N ALA D 137 -10.53 -17.54 12.45
CA ALA D 137 -9.94 -18.09 13.66
C ALA D 137 -9.10 -17.01 14.32
N PRO D 138 -8.76 -17.16 15.59
CA PRO D 138 -7.95 -16.14 16.26
C PRO D 138 -6.56 -16.08 15.65
N CYS D 139 -6.11 -14.84 15.37
CA CYS D 139 -4.81 -14.64 14.73
C CYS D 139 -3.65 -15.19 15.57
N ASP D 140 -3.84 -15.34 16.88
CA ASP D 140 -2.76 -15.81 17.74
C ASP D 140 -2.70 -17.34 17.85
N LYS D 141 -3.62 -18.05 17.21
N LYS D 141 -3.62 -18.03 17.20
CA LYS D 141 -3.54 -19.50 17.15
CA LYS D 141 -3.55 -19.48 17.10
C LYS D 141 -2.48 -19.91 16.13
C LYS D 141 -2.44 -19.88 16.14
N THR D 142 -1.84 -21.05 16.38
CA THR D 142 -0.78 -21.56 15.51
C THR D 142 -1.32 -22.63 14.58
N PHE D 143 -1.07 -22.45 13.28
CA PHE D 143 -1.41 -23.39 12.24
C PHE D 143 -0.28 -23.44 11.22
N LEU D 144 -0.24 -24.52 10.43
CA LEU D 144 0.53 -24.48 9.20
C LEU D 144 0.04 -23.30 8.36
N PHE D 145 0.81 -22.94 7.32
CA PHE D 145 0.48 -21.76 6.52
C PHE D 145 0.94 -21.93 5.08
N ILE D 146 0.38 -21.10 4.19
CA ILE D 146 0.68 -21.16 2.75
C ILE D 146 1.14 -19.79 2.27
N CYS D 147 2.36 -19.73 1.72
CA CYS D 147 2.87 -18.52 1.07
C CYS D 147 2.65 -18.59 -0.43
N LYS D 148 2.51 -17.42 -1.05
CA LYS D 148 2.31 -17.30 -2.50
C LYS D 148 3.23 -16.20 -3.05
N ARG D 149 3.85 -16.47 -4.20
CA ARG D 149 4.60 -15.41 -4.85
C ARG D 149 4.55 -15.63 -6.35
N PRO D 150 4.27 -14.59 -7.13
CA PRO D 150 4.20 -14.74 -8.58
C PRO D 150 5.57 -14.98 -9.16
N TYR D 151 5.60 -15.72 -10.27
CA TYR D 151 6.83 -15.81 -11.04
C TYR D 151 7.14 -14.46 -11.67
N VAL D 152 8.34 -13.95 -11.39
CA VAL D 152 8.83 -12.69 -11.96
C VAL D 152 10.14 -12.97 -12.68
N PRO D 153 10.18 -12.83 -14.00
CA PRO D 153 11.41 -13.09 -14.75
C PRO D 153 12.52 -12.12 -14.38
N SER D 154 13.76 -12.58 -14.56
CA SER D 154 14.93 -11.74 -14.29
C SER D 154 15.69 -11.44 -15.57
N SER E 1 13.52 6.53 -17.96
CA SER E 1 13.54 5.62 -16.84
C SER E 1 13.65 4.16 -17.31
N TRP E 2 14.31 3.34 -16.49
CA TRP E 2 14.42 1.89 -16.71
C TRP E 2 15.21 1.53 -17.95
CA CA F . 3.31 -0.31 -27.53
C4 JMI G . 2.27 0.49 -30.56
C5 JMI G . 2.42 0.63 -32.08
C6 JMI G . 2.11 -0.71 -32.74
C3 JMI G . 2.54 1.80 -29.92
C1 JMI G . 1.77 2.93 -32.01
C2 JMI G . 1.61 2.85 -30.49
CAA JMI G . -1.62 4.47 -36.91
CAG JMI G . 3.66 3.23 -36.00
CAH JMI G . 2.16 5.06 -35.51
CAI JMI G . 3.74 2.93 -34.64
CAJ JMI G . 2.24 4.75 -34.15
CAK JMI G . 1.80 3.62 -38.42
CAM JMI G . 2.80 4.59 -37.78
CAQ JMI G . -0.36 4.61 -37.78
CAR JMI G . 2.87 4.29 -36.43
CAS JMI G . 3.03 3.70 -33.72
NAN JMI G . 0.53 3.62 -37.66
O1 JMI G . 3.09 3.40 -32.39
O2 JMI G . 0.25 2.50 -30.19
O3 JMI G . 2.32 1.66 -28.50
O4 JMI G . 3.19 -0.48 -30.06
O5 JMI G . 1.50 1.62 -32.57
O6 JMI G . 2.47 -0.64 -34.11
OAB JMI G . -0.22 5.59 -38.50
CL CL H . -16.37 10.80 -18.22
CA CA I . -3.79 26.30 -6.69
C4 JMI J . -2.69 29.23 -8.01
C5 JMI J . -2.87 30.68 -8.49
C6 JMI J . -2.59 31.66 -7.35
C3 JMI J . -3.00 28.30 -9.16
C1 JMI J . -2.32 30.15 -10.69
C2 JMI J . -2.14 28.67 -10.36
CAA JMI J . -6.02 32.02 -17.06
CAG JMI J . -2.54 33.14 -13.26
CAH JMI J . -4.88 33.46 -12.79
CAI JMI J . -2.55 32.00 -12.46
CAJ JMI J . -4.88 32.33 -11.97
CAK JMI J . -3.50 34.56 -15.70
CAM JMI J . -3.69 34.99 -14.24
CAQ JMI J . -5.28 33.35 -16.91
CAR JMI J . -3.71 33.86 -13.42
CAS JMI J . -3.70 31.60 -11.80
NAN JMI J . -4.32 33.36 -15.98
O1 JMI J . -3.69 30.48 -11.01
O2 JMI J . -0.76 28.47 -10.06
O3 JMI J . -2.72 26.94 -8.74
O4 JMI J . -3.61 28.95 -6.94
O5 JMI J . -1.95 30.96 -9.57
O6 JMI J . -2.84 33.00 -7.83
OAB JMI J . -5.58 34.33 -17.60
CL CL K . 17.02 15.42 -14.06
N TRP L . 15.96 -14.70 8.57
CA TRP L . 16.16 -13.48 9.35
C TRP L . 17.01 -13.74 10.59
O TRP L . 16.55 -13.51 11.70
CB TRP L . 14.81 -12.87 9.76
CG TRP L . 14.13 -12.08 8.69
CD1 TRP L . 14.64 -11.74 7.46
CD2 TRP L . 12.81 -11.55 8.73
NE1 TRP L . 13.71 -11.01 6.75
CE2 TRP L . 12.57 -10.88 7.51
CE3 TRP L . 11.80 -11.56 9.70
CZ2 TRP L . 11.38 -10.24 7.22
CZ3 TRP L . 10.60 -10.92 9.41
CH2 TRP L . 10.40 -10.27 8.18
CA CA M . 16.06 -7.54 21.87
C4 JMI N . 16.40 -8.06 25.16
C5 JMI N . 17.17 -8.52 26.43
C6 JMI N . 18.12 -7.43 26.92
C3 JMI N . 15.48 -9.18 24.76
C1 JMI N . 15.36 -9.89 27.16
C2 JMI N . 14.53 -9.52 25.92
CAA JMI N . 17.36 -9.79 32.31
CAG JMI N . 16.74 -12.49 30.21
CAH JMI N . 18.84 -12.10 29.11
CAI JMI N . 16.06 -11.98 29.10
CAJ JMI N . 18.17 -11.60 28.00
CAK JMI N . 19.16 -11.92 32.30
CAM JMI N . 18.83 -13.05 31.32
CAQ JMI N . 17.19 -10.90 33.36
CAR JMI N . 18.13 -12.54 30.22
CAS JMI N . 16.78 -11.54 27.99
NAN JMI N . 18.09 -11.89 33.30
O1 JMI N . 16.15 -11.06 26.88
O2 JMI N . 13.72 -8.38 26.25
O3 JMI N . 14.73 -8.77 23.60
O4 JMI N . 17.30 -7.75 24.08
O5 JMI N . 16.24 -8.81 27.49
O6 JMI N . 18.71 -7.86 28.15
OAB JMI N . 16.28 -10.85 34.19
CL CL O . -7.19 -1.22 26.45
N TRP P . -15.22 -3.50 15.48
CA TRP P . -15.52 -4.75 14.77
C TRP P . -16.54 -5.60 15.53
O TRP P . -16.66 -5.49 16.76
CB TRP P . -14.23 -5.54 14.54
CG TRP P . -13.22 -4.83 13.69
CD1 TRP P . -13.41 -3.66 12.99
CD2 TRP P . -11.87 -5.21 13.46
NE1 TRP P . -12.25 -3.30 12.33
CE2 TRP P . -11.29 -4.24 12.60
CE3 TRP P . -11.07 -6.28 13.89
CZ2 TRP P . -9.97 -4.32 12.17
CZ3 TRP P . -9.77 -6.36 13.46
CH2 TRP P . -9.22 -5.38 12.61
CA CA Q . -14.94 -19.16 12.84
C4 JMI R . -15.32 -22.13 14.19
C5 JMI R . -16.13 -23.16 14.98
C6 JMI R . -17.15 -23.85 14.07
C3 JMI R . -14.32 -21.47 15.12
C1 JMI R . -14.26 -23.56 16.43
C2 JMI R . -13.40 -22.53 15.72
CAA JMI R . -13.67 -29.16 17.88
CAG JMI R . -16.62 -25.20 19.90
CAH JMI R . -14.25 -25.66 19.86
CAI JMI R . -16.44 -24.20 18.94
CAJ JMI R . -14.07 -24.67 18.92
CAK JMI R . -16.11 -28.24 20.65
CAM JMI R . -15.70 -26.93 21.32
CAQ JMI R . -14.91 -28.56 18.54
CAR JMI R . -15.52 -25.93 20.36
CAS JMI R . -15.16 -23.94 18.45
NAN JMI R . -14.99 -28.77 19.86
O1 JMI R . -14.97 -22.96 17.51
O2 JMI R . -12.61 -23.16 14.70
O3 JMI R . -13.53 -20.52 14.40
O4 JMI R . -16.18 -21.13 13.66
O5 JMI R . -15.22 -24.16 15.52
O6 JMI R . -18.11 -24.55 14.86
OAB JMI R . -15.75 -27.93 17.89
CL CL S . 8.17 -24.64 7.33
#